data_1FRT
#
_entry.id   1FRT
#
_cell.length_a   125.000
_cell.length_b   145.000
_cell.length_c   216.500
_cell.angle_alpha   90.00
_cell.angle_beta   90.00
_cell.angle_gamma   90.00
#
_symmetry.space_group_name_H-M   'I 21 21 21'
#
loop_
_entity.id
_entity.type
_entity.pdbx_description
1 polymer 'NEONATAL FC RECEPTOR'
2 polymer 'BETA 2-MICROGLOBULIN'
3 polymer 'IGG FC'
4 branched alpha-L-fucopyranose-(1-6)-2-acetamido-2-deoxy-beta-D-glucopyranose
5 branched beta-D-galactopyranose-(1-4)-2-acetamido-2-deoxy-beta-D-glucopyranose-(1-2)-alpha-D-mannopyranose-(1-6)-[2-acetamido-2-deoxy-beta-D-glucopyranose-(1-2)-alpha-D-mannopyranose-(1-3)]beta-D-mannopyranose-(1-4)-2-acetamido-2-deoxy-beta-D-glucopyranose-(1-4)-[alpha-L-fucopyranose-(1-6)]2-acetamido-2-deoxy-beta-D-glucopyranose
6 non-polymer 2-acetamido-2-deoxy-beta-D-glucopyranose
#
loop_
_entity_poly.entity_id
_entity_poly.type
_entity_poly.pdbx_seq_one_letter_code
_entity_poly.pdbx_strand_id
1 'polypeptide(L)'
;AEPRLPLMYHLAAVSDLSTGLPSFWATGWLGAQQYLTYNNLRQEADPCGAWIWENQVSWYWEKETTDLKSKEQLFLEAIR
TLENQINGTFTLQGLLGCELAPDNSSLPTAVFALNGEEFMRFNPRTGNWSGEWPETDIVGNLWMKQPEAARKESEFLLTS
CPERLLGHLERGRQNLEWKEPPSMRLKARPGNSGSSVLTCAAFSFYPPELKFRFLRNGLASGSGNCSTGPNGDGSFHAWS
LLEVKRGDEHHYQCQVEHEGLAQPLTVDL
;
A
2 'polypeptide(L)'
;IQKTPQIQVYSRHPPENGKPNFLNCYVSQFHPPQIEIELLKNGKKIPNIEMSDLSFSKDWSFYILAHTEFTPTETDVYAC
RVKHVTLKEPKTVTWDRDM
;
B
3 'polypeptide(L)'
;SVFLFPPKPKDTLMISRTPEVTCVVVDVSHEDPQVKFNWYVDGVQVHNAKTKPREQQYNSTYRVVSVLTVLHQNWLDGKE
YKCKVSNKALPAPIEKTISKAKGQPREPQVYTLPPSREEMTKNQVSLTCLVKGFYPSDIAVEWESNGQPENNYKTTPPVL
DSDGSFFLYSKLTVDKSRWQQGNVFSCSVMHEALHNHYTQKSLSL
;
C
#
# COMPACT_ATOMS: atom_id res chain seq x y z
N ALA A 1 20.76 25.41 13.79
CA ALA A 1 20.06 24.83 12.60
C ALA A 1 19.45 23.52 13.07
N GLU A 2 18.25 23.21 12.58
CA GLU A 2 17.50 21.99 12.91
C GLU A 2 18.37 20.83 12.43
N PRO A 3 19.30 20.39 13.28
CA PRO A 3 20.22 19.31 12.92
C PRO A 3 19.57 17.98 12.60
N ARG A 4 19.80 17.47 11.39
CA ARG A 4 19.31 16.12 11.05
C ARG A 4 17.91 15.76 10.57
N LEU A 5 16.98 16.71 10.62
CA LEU A 5 15.58 16.53 10.18
C LEU A 5 15.61 15.77 8.83
N PRO A 6 14.88 14.66 8.71
CA PRO A 6 14.87 13.86 7.47
C PRO A 6 14.62 14.42 6.10
N LEU A 7 15.40 13.88 5.15
CA LEU A 7 15.29 14.19 3.72
C LEU A 7 14.87 12.84 3.16
N MET A 8 13.72 12.80 2.48
CA MET A 8 13.23 11.51 1.99
C MET A 8 12.64 11.56 0.59
N TYR A 9 12.80 10.45 -0.14
CA TYR A 9 12.35 10.30 -1.53
C TYR A 9 11.31 9.21 -1.67
N HIS A 10 10.27 9.52 -2.46
CA HIS A 10 9.13 8.61 -2.73
C HIS A 10 9.15 8.30 -4.20
N LEU A 11 9.27 7.02 -4.53
CA LEU A 11 9.37 6.59 -5.94
C LEU A 11 8.35 5.50 -6.34
N ALA A 12 7.74 5.62 -7.52
CA ALA A 12 6.78 4.59 -7.97
C ALA A 12 6.74 4.36 -9.50
N ALA A 13 6.34 3.13 -9.90
CA ALA A 13 6.16 2.77 -11.33
C ALA A 13 4.94 1.79 -11.47
N VAL A 14 4.18 1.90 -12.54
CA VAL A 14 3.00 1.02 -12.79
C VAL A 14 2.80 0.54 -14.25
N SER A 15 2.21 -0.63 -14.45
CA SER A 15 1.96 -1.08 -15.81
C SER A 15 0.67 -0.55 -16.45
N ASP A 16 -0.37 -0.35 -15.64
CA ASP A 16 -1.70 0.11 -16.11
C ASP A 16 -1.85 1.62 -16.23
N LEU A 17 -1.98 2.12 -17.44
CA LEU A 17 -2.09 3.55 -17.66
C LEU A 17 -3.47 4.05 -18.09
N SER A 18 -4.52 3.26 -17.78
CA SER A 18 -5.92 3.60 -18.12
C SER A 18 -6.54 4.79 -17.39
N THR A 19 -5.89 5.29 -16.34
CA THR A 19 -6.39 6.44 -15.62
C THR A 19 -5.47 7.64 -15.82
N GLY A 20 -4.62 7.59 -16.84
CA GLY A 20 -3.69 8.67 -17.15
C GLY A 20 -2.49 8.92 -16.23
N LEU A 21 -1.98 7.88 -15.57
CA LEU A 21 -0.81 8.01 -14.66
C LEU A 21 0.51 7.99 -15.46
N PRO A 22 1.60 8.63 -14.94
CA PRO A 22 2.89 8.58 -15.68
C PRO A 22 3.47 7.19 -15.33
N SER A 23 4.44 6.70 -16.11
CA SER A 23 5.00 5.37 -15.86
C SER A 23 5.89 5.36 -14.64
N PHE A 24 6.49 6.50 -14.37
CA PHE A 24 7.33 6.61 -13.18
C PHE A 24 7.16 8.06 -12.66
N TRP A 25 7.22 8.26 -11.34
CA TRP A 25 7.17 9.65 -10.85
C TRP A 25 7.79 9.61 -9.45
N ALA A 26 8.32 10.77 -8.99
CA ALA A 26 8.94 10.91 -7.65
C ALA A 26 8.59 12.25 -6.96
N THR A 27 8.64 12.28 -5.62
CA THR A 27 8.43 13.51 -4.83
C THR A 27 9.50 13.46 -3.72
N GLY A 28 10.00 14.63 -3.33
CA GLY A 28 11.03 14.67 -2.28
C GLY A 28 10.60 15.55 -1.12
N TRP A 29 10.99 15.17 0.10
CA TRP A 29 10.52 15.87 1.31
C TRP A 29 11.54 16.27 2.35
N LEU A 30 11.39 17.46 2.91
CA LEU A 30 12.27 17.91 4.00
C LEU A 30 11.34 17.98 5.23
N GLY A 31 11.44 17.00 6.11
CA GLY A 31 10.57 16.91 7.25
C GLY A 31 9.16 16.69 6.69
N ALA A 32 8.28 17.68 6.84
CA ALA A 32 6.89 17.59 6.37
C ALA A 32 6.62 18.38 5.12
N GLN A 33 7.56 19.22 4.71
CA GLN A 33 7.37 20.02 3.52
C GLN A 33 7.98 19.34 2.28
N GLN A 34 7.26 19.35 1.15
CA GLN A 34 7.72 18.77 -0.11
C GLN A 34 8.49 19.84 -0.87
N TYR A 35 9.79 19.63 -1.14
CA TYR A 35 10.57 20.64 -1.86
C TYR A 35 10.85 20.33 -3.35
N LEU A 36 10.44 19.16 -3.83
CA LEU A 36 10.74 18.74 -5.22
C LEU A 36 9.73 17.82 -5.92
N THR A 37 9.55 18.02 -7.22
CA THR A 37 8.69 17.09 -7.95
C THR A 37 9.41 16.62 -9.29
N TYR A 38 9.06 15.44 -9.82
CA TYR A 38 9.64 14.90 -11.06
C TYR A 38 8.82 13.76 -11.72
N ASN A 39 8.65 13.78 -13.03
CA ASN A 39 7.98 12.67 -13.75
C ASN A 39 8.69 12.38 -15.10
N ASN A 40 8.54 11.16 -15.62
CA ASN A 40 9.20 10.77 -16.87
C ASN A 40 8.80 11.58 -18.07
N LEU A 41 7.66 12.24 -18.02
CA LEU A 41 7.18 13.06 -19.14
C LEU A 41 7.86 14.43 -19.24
N ARG A 42 8.38 14.95 -18.15
CA ARG A 42 9.04 16.25 -18.23
C ARG A 42 10.55 16.08 -18.08
N GLN A 43 10.94 15.10 -17.26
CA GLN A 43 12.34 14.78 -17.02
C GLN A 43 13.14 15.96 -16.47
N GLU A 44 12.54 16.66 -15.53
CA GLU A 44 13.16 17.82 -14.93
C GLU A 44 12.83 17.76 -13.44
N ALA A 45 13.75 18.15 -12.58
CA ALA A 45 13.49 18.18 -11.15
C ALA A 45 13.23 19.66 -10.85
N ASP A 46 11.99 19.99 -10.46
CA ASP A 46 11.63 21.39 -10.16
C ASP A 46 11.30 21.61 -8.68
N PRO A 47 11.71 22.77 -8.13
CA PRO A 47 11.43 23.08 -6.72
C PRO A 47 9.89 23.34 -6.47
N CYS A 48 9.42 23.04 -5.27
CA CYS A 48 8.03 23.28 -4.90
C CYS A 48 7.89 24.58 -4.16
N GLY A 49 6.92 25.38 -4.59
CA GLY A 49 6.61 26.64 -3.94
C GLY A 49 7.63 27.58 -3.31
N ALA A 50 7.73 27.53 -1.99
CA ALA A 50 8.62 28.44 -1.29
C ALA A 50 10.09 28.19 -1.59
N TRP A 51 10.40 26.97 -1.96
CA TRP A 51 11.77 26.62 -2.20
C TRP A 51 12.47 27.27 -3.39
N ILE A 52 11.72 28.09 -4.13
CA ILE A 52 12.22 28.82 -5.30
C ILE A 52 12.98 30.12 -4.98
N TRP A 53 12.98 30.56 -3.74
CA TRP A 53 13.70 31.78 -3.38
C TRP A 53 14.98 31.44 -2.64
N GLU A 54 15.20 30.16 -2.43
CA GLU A 54 16.38 29.74 -1.72
C GLU A 54 17.65 30.04 -2.54
N ASN A 55 18.64 30.62 -1.90
CA ASN A 55 19.91 30.91 -2.57
C ASN A 55 20.64 29.57 -2.61
N GLN A 56 20.86 29.04 -3.81
CA GLN A 56 21.56 27.76 -4.00
C GLN A 56 22.76 28.00 -4.91
N VAL A 57 23.70 27.04 -4.95
CA VAL A 57 24.85 27.14 -5.86
C VAL A 57 24.30 26.94 -7.30
N SER A 58 24.95 27.53 -8.29
CA SER A 58 24.49 27.43 -9.68
C SER A 58 24.15 26.05 -10.26
N TRP A 59 24.84 25.02 -9.76
CA TRP A 59 24.61 23.64 -10.22
C TRP A 59 23.60 22.79 -9.38
N TYR A 60 22.97 23.36 -8.34
CA TYR A 60 22.02 22.59 -7.49
C TYR A 60 20.94 21.73 -8.18
N TRP A 61 20.11 22.37 -9.00
CA TRP A 61 19.03 21.64 -9.65
C TRP A 61 19.39 20.68 -10.77
N GLU A 62 20.49 20.97 -11.49
CA GLU A 62 20.96 20.10 -12.59
C GLU A 62 21.38 18.75 -12.02
N LYS A 63 22.03 18.78 -10.85
CA LYS A 63 22.46 17.56 -10.21
C LYS A 63 21.30 16.64 -9.68
N GLU A 64 20.23 17.22 -9.13
CA GLU A 64 19.04 16.44 -8.66
C GLU A 64 18.37 15.73 -9.86
N THR A 65 18.24 16.46 -10.98
CA THR A 65 17.64 15.93 -12.22
C THR A 65 18.38 14.68 -12.73
N THR A 66 19.72 14.67 -12.57
CA THR A 66 20.59 13.57 -12.99
C THR A 66 20.37 12.27 -12.20
N ASP A 67 20.42 12.38 -10.88
CA ASP A 67 20.18 11.25 -9.98
C ASP A 67 18.81 10.64 -10.22
N LEU A 68 17.81 11.49 -10.40
CA LEU A 68 16.45 11.00 -10.63
C LEU A 68 16.23 10.28 -11.97
N LYS A 69 16.92 10.75 -13.02
CA LYS A 69 16.86 10.08 -14.32
C LYS A 69 17.44 8.65 -14.19
N SER A 70 18.48 8.49 -13.37
CA SER A 70 19.05 7.14 -13.16
C SER A 70 18.02 6.16 -12.60
N LYS A 71 17.37 6.57 -11.49
CA LYS A 71 16.34 5.76 -10.78
C LYS A 71 15.20 5.37 -11.71
N GLU A 72 14.80 6.34 -12.53
CA GLU A 72 13.69 6.15 -13.44
C GLU A 72 13.93 4.92 -14.30
N GLN A 73 15.18 4.80 -14.75
CA GLN A 73 15.59 3.69 -15.59
C GLN A 73 15.51 2.35 -14.89
N LEU A 74 16.12 2.26 -13.71
CA LEU A 74 16.07 1.00 -12.97
C LEU A 74 14.65 0.51 -12.67
N PHE A 75 13.73 1.45 -12.43
CA PHE A 75 12.31 1.14 -12.10
C PHE A 75 11.47 0.71 -13.31
N LEU A 76 11.55 1.46 -14.39
CA LEU A 76 10.75 1.12 -15.54
C LEU A 76 11.16 -0.24 -16.09
N GLU A 77 12.45 -0.56 -15.99
CA GLU A 77 12.93 -1.84 -16.49
C GLU A 77 12.45 -3.04 -15.68
N ALA A 78 12.41 -2.89 -14.35
CA ALA A 78 11.95 -3.94 -13.43
C ALA A 78 10.53 -4.40 -13.74
N ILE A 79 9.72 -3.48 -14.24
CA ILE A 79 8.33 -3.81 -14.54
C ILE A 79 8.20 -4.72 -15.77
N ARG A 80 8.95 -4.41 -16.84
CA ARG A 80 8.87 -5.20 -18.07
C ARG A 80 9.31 -6.64 -17.83
N THR A 81 10.34 -6.83 -17.03
CA THR A 81 10.78 -8.18 -16.79
C THR A 81 9.72 -8.98 -16.01
N LEU A 82 9.07 -8.33 -15.03
CA LEU A 82 8.02 -8.97 -14.23
C LEU A 82 6.84 -9.32 -15.14
N GLU A 83 6.52 -8.40 -16.03
CA GLU A 83 5.45 -8.63 -17.01
C GLU A 83 5.75 -9.87 -17.90
N ASN A 84 7.03 -10.12 -18.18
CA ASN A 84 7.40 -11.25 -19.02
C ASN A 84 7.26 -12.61 -18.39
N GLN A 85 7.54 -12.70 -17.11
CA GLN A 85 7.50 -13.97 -16.41
C GLN A 85 6.17 -14.27 -15.67
N ILE A 86 5.41 -13.24 -15.32
CA ILE A 86 4.15 -13.46 -14.62
C ILE A 86 3.01 -12.65 -15.21
N ASN A 87 1.87 -13.31 -15.34
CA ASN A 87 0.66 -12.67 -15.87
C ASN A 87 0.23 -11.66 -14.85
N GLY A 88 -0.47 -10.62 -15.30
CA GLY A 88 -0.96 -9.62 -14.38
C GLY A 88 -0.56 -8.22 -14.73
N THR A 89 -0.53 -7.38 -13.70
CA THR A 89 -0.17 -5.97 -13.82
C THR A 89 0.56 -5.69 -12.52
N PHE A 90 1.52 -4.79 -12.57
CA PHE A 90 2.29 -4.52 -11.37
C PHE A 90 2.41 -3.05 -10.94
N THR A 91 2.72 -2.87 -9.65
CA THR A 91 2.97 -1.58 -9.03
C THR A 91 4.22 -1.74 -8.16
N LEU A 92 5.22 -0.92 -8.45
CA LEU A 92 6.51 -0.93 -7.75
C LEU A 92 6.82 0.39 -7.06
N GLN A 93 7.24 0.33 -5.79
CA GLN A 93 7.53 1.54 -4.99
C GLN A 93 8.83 1.47 -4.16
N GLY A 94 9.40 2.65 -3.89
CA GLY A 94 10.56 2.71 -3.03
C GLY A 94 10.59 3.90 -2.06
N LEU A 95 11.27 3.69 -0.93
CA LEU A 95 11.47 4.72 0.11
C LEU A 95 13.00 4.86 0.40
N LEU A 96 13.60 6.00 0.04
CA LEU A 96 15.07 6.28 0.20
C LEU A 96 15.42 7.64 0.81
N GLY A 97 16.26 7.68 1.86
CA GLY A 97 16.59 8.98 2.42
C GLY A 97 17.55 8.89 3.57
N CYS A 98 17.74 9.98 4.29
CA CYS A 98 18.68 10.00 5.42
C CYS A 98 18.33 11.03 6.51
N GLU A 99 19.12 10.98 7.59
CA GLU A 99 18.96 11.87 8.74
C GLU A 99 20.40 12.05 9.30
N LEU A 100 20.73 13.22 9.84
CA LEU A 100 22.07 13.47 10.35
C LEU A 100 22.41 13.03 11.75
N ALA A 101 23.57 12.43 11.90
CA ALA A 101 24.09 12.00 13.19
C ALA A 101 24.75 13.25 13.78
N PRO A 102 24.90 13.33 15.11
CA PRO A 102 25.54 14.52 15.71
C PRO A 102 26.90 14.91 15.11
N ASP A 103 27.73 13.95 14.75
CA ASP A 103 29.02 14.33 14.14
C ASP A 103 28.82 14.75 12.67
N ASN A 104 27.56 14.84 12.23
CA ASN A 104 27.09 15.25 10.88
C ASN A 104 27.02 14.19 9.79
N SER A 105 27.28 12.93 10.11
CA SER A 105 27.23 11.88 9.09
C SER A 105 25.82 11.34 8.85
N SER A 106 25.69 10.33 7.99
CA SER A 106 24.39 9.73 7.60
C SER A 106 23.90 8.48 8.37
N LEU A 107 22.56 8.38 8.49
CA LEU A 107 21.81 7.26 9.09
C LEU A 107 20.78 7.12 7.97
N PRO A 108 20.94 6.17 7.06
CA PRO A 108 20.02 5.99 5.92
C PRO A 108 18.82 5.03 5.96
N THR A 109 17.98 5.15 4.93
CA THR A 109 16.80 4.32 4.73
C THR A 109 16.66 3.94 3.26
N ALA A 110 16.36 2.67 2.99
CA ALA A 110 16.13 2.14 1.62
C ALA A 110 15.28 0.83 1.61
N VAL A 111 13.99 0.93 1.27
CA VAL A 111 13.07 -0.23 1.25
C VAL A 111 12.18 -0.24 -0.01
N PHE A 112 11.70 -1.43 -0.41
CA PHE A 112 10.89 -1.59 -1.64
C PHE A 112 9.63 -2.47 -1.47
N ALA A 113 8.61 -2.24 -2.31
CA ALA A 113 7.37 -3.03 -2.25
C ALA A 113 6.82 -3.40 -3.62
N LEU A 114 6.13 -4.54 -3.67
CA LEU A 114 5.55 -5.00 -4.92
C LEU A 114 4.09 -5.36 -4.70
N ASN A 115 3.21 -4.72 -5.46
CA ASN A 115 1.76 -4.94 -5.34
C ASN A 115 1.21 -4.87 -3.88
N GLY A 116 1.64 -3.84 -3.18
CA GLY A 116 1.19 -3.58 -1.82
C GLY A 116 1.92 -4.18 -0.65
N GLU A 117 2.95 -4.98 -0.90
CA GLU A 117 3.67 -5.62 0.18
C GLU A 117 5.17 -5.44 0.05
N GLU A 118 5.87 -5.32 1.18
CA GLU A 118 7.31 -5.13 1.21
C GLU A 118 7.97 -6.40 0.77
N PHE A 119 8.88 -6.32 -0.20
CA PHE A 119 9.53 -7.52 -0.69
C PHE A 119 11.03 -7.44 -0.81
N MET A 120 11.59 -6.28 -0.47
CA MET A 120 13.04 -6.06 -0.63
C MET A 120 13.62 -4.84 0.11
N ARG A 121 14.90 -4.96 0.50
CA ARG A 121 15.69 -3.91 1.20
C ARG A 121 17.09 -3.77 0.53
N PHE A 122 17.81 -2.69 0.84
CA PHE A 122 19.16 -2.45 0.28
C PHE A 122 20.07 -1.82 1.34
N ASN A 123 21.10 -2.54 1.81
CA ASN A 123 22.03 -1.95 2.80
C ASN A 123 23.18 -1.25 2.08
N PRO A 124 23.24 0.09 2.14
CA PRO A 124 24.28 0.90 1.49
C PRO A 124 25.71 0.74 1.98
N ARG A 125 25.89 0.16 3.16
CA ARG A 125 27.21 -0.01 3.74
C ARG A 125 27.79 -1.35 3.29
N THR A 126 26.98 -2.16 2.62
CA THR A 126 27.47 -3.44 2.11
C THR A 126 27.28 -3.50 0.60
N GLY A 127 26.26 -2.77 0.11
CA GLY A 127 25.91 -2.72 -1.30
C GLY A 127 25.04 -3.87 -1.77
N ASN A 128 24.38 -4.55 -0.83
CA ASN A 128 23.55 -5.70 -1.23
C ASN A 128 22.02 -5.52 -1.11
N TRP A 129 21.28 -6.30 -1.92
CA TRP A 129 19.82 -6.32 -1.89
C TRP A 129 19.36 -7.62 -1.24
N SER A 130 18.27 -7.55 -0.47
CA SER A 130 17.72 -8.71 0.26
C SER A 130 16.23 -8.86 0.00
N GLY A 131 15.69 -10.01 0.39
CA GLY A 131 14.28 -10.31 0.19
C GLY A 131 13.89 -11.66 0.78
N GLU A 132 12.78 -12.24 0.32
CA GLU A 132 12.29 -13.53 0.81
C GLU A 132 11.25 -14.10 -0.14
N TRP A 133 11.06 -13.48 -1.29
CA TRP A 133 10.01 -13.93 -2.20
C TRP A 133 10.55 -14.14 -3.62
N PRO A 134 9.89 -14.98 -4.43
CA PRO A 134 10.29 -15.29 -5.80
C PRO A 134 10.55 -14.07 -6.70
N GLU A 135 9.85 -12.98 -6.43
CA GLU A 135 10.02 -11.79 -7.26
C GLU A 135 11.18 -10.93 -6.79
N THR A 136 11.71 -11.26 -5.61
CA THR A 136 12.89 -10.56 -5.09
C THR A 136 14.06 -10.93 -6.01
N ASP A 137 14.16 -12.22 -6.35
CA ASP A 137 15.21 -12.76 -7.22
C ASP A 137 15.15 -12.14 -8.58
N ILE A 138 13.95 -12.12 -9.16
CA ILE A 138 13.76 -11.54 -10.49
C ILE A 138 14.22 -10.09 -10.53
N VAL A 139 13.82 -9.29 -9.53
CA VAL A 139 14.21 -7.88 -9.49
C VAL A 139 15.65 -7.68 -9.04
N GLY A 140 16.03 -8.20 -7.89
CA GLY A 140 17.41 -8.06 -7.43
C GLY A 140 18.45 -8.51 -8.44
N ASN A 141 18.23 -9.65 -9.10
CA ASN A 141 19.16 -10.15 -10.12
C ASN A 141 19.24 -9.19 -11.29
N LEU A 142 18.11 -8.69 -11.75
CA LEU A 142 18.13 -7.73 -12.85
C LEU A 142 18.97 -6.49 -12.52
N TRP A 143 18.93 -5.99 -11.29
CA TRP A 143 19.66 -4.76 -10.91
C TRP A 143 21.16 -4.95 -10.68
N MET A 144 21.54 -6.18 -10.33
CA MET A 144 22.94 -6.52 -10.12
C MET A 144 23.68 -6.60 -11.47
N LYS A 145 22.94 -6.84 -12.55
CA LYS A 145 23.53 -6.99 -13.84
C LYS A 145 24.34 -5.83 -14.41
N GLN A 146 24.87 -4.98 -13.54
CA GLN A 146 25.74 -3.86 -13.91
C GLN A 146 26.19 -3.28 -12.60
N PRO A 147 27.28 -3.81 -12.03
CA PRO A 147 27.80 -3.36 -10.75
C PRO A 147 27.76 -1.86 -10.32
N GLU A 148 27.80 -0.92 -11.26
CA GLU A 148 27.81 0.50 -10.90
C GLU A 148 26.55 0.95 -10.19
N ALA A 149 25.43 0.33 -10.53
CA ALA A 149 24.12 0.62 -9.94
C ALA A 149 24.25 0.60 -8.42
N ALA A 150 24.73 -0.52 -7.90
CA ALA A 150 24.91 -0.64 -6.46
C ALA A 150 25.82 0.46 -5.89
N ARG A 151 26.92 0.75 -6.59
CA ARG A 151 27.87 1.77 -6.11
C ARG A 151 27.28 3.18 -6.04
N LYS A 152 26.50 3.53 -7.06
CA LYS A 152 25.88 4.86 -7.11
C LYS A 152 24.72 5.00 -6.12
N GLU A 153 24.14 3.88 -5.71
CA GLU A 153 23.09 3.86 -4.71
C GLU A 153 23.71 4.11 -3.34
N SER A 154 24.88 3.54 -3.07
CA SER A 154 25.50 3.77 -1.77
C SER A 154 26.00 5.19 -1.59
N GLU A 155 26.34 5.85 -2.70
CA GLU A 155 26.84 7.22 -2.63
C GLU A 155 25.71 8.29 -2.44
N PHE A 156 24.58 8.09 -3.13
CA PHE A 156 23.39 8.95 -3.04
C PHE A 156 22.99 8.99 -1.56
N LEU A 157 22.92 7.82 -0.94
CA LEU A 157 22.56 7.67 0.47
C LEU A 157 23.59 8.11 1.55
N LEU A 158 24.87 7.74 1.38
CA LEU A 158 25.90 8.08 2.39
C LEU A 158 26.69 9.37 2.23
N THR A 159 26.58 10.02 1.07
CA THR A 159 27.33 11.25 0.78
C THR A 159 26.48 12.44 0.30
N SER A 160 25.77 12.28 -0.82
CA SER A 160 24.92 13.35 -1.37
C SER A 160 23.79 13.79 -0.46
N CYS A 161 23.02 12.82 0.06
CA CYS A 161 21.90 13.10 0.95
C CYS A 161 22.31 14.02 2.11
N PRO A 162 23.32 13.63 2.92
CA PRO A 162 23.77 14.47 4.05
C PRO A 162 24.33 15.85 3.65
N GLU A 163 24.86 15.97 2.44
CA GLU A 163 25.40 17.25 2.05
C GLU A 163 24.28 18.20 1.63
N ARG A 164 23.23 17.61 1.02
CA ARG A 164 22.03 18.35 0.60
C ARG A 164 21.32 18.85 1.88
N LEU A 165 21.04 17.92 2.81
CA LEU A 165 20.37 18.17 4.08
C LEU A 165 21.06 19.30 4.86
N LEU A 166 22.38 19.21 4.94
CA LEU A 166 23.26 20.20 5.61
C LEU A 166 23.24 21.59 4.91
N GLY A 167 23.10 21.60 3.59
CA GLY A 167 23.02 22.86 2.88
C GLY A 167 21.64 23.47 3.05
N HIS A 168 20.60 22.62 3.17
CA HIS A 168 19.21 23.09 3.35
C HIS A 168 18.95 23.75 4.73
N LEU A 169 19.50 23.16 5.79
CA LEU A 169 19.38 23.72 7.14
C LEU A 169 19.86 25.18 7.15
N GLU A 170 20.92 25.45 6.40
CA GLU A 170 21.54 26.79 6.32
C GLU A 170 20.84 27.75 5.36
N ARG A 171 20.97 27.45 4.07
CA ARG A 171 20.37 28.27 3.04
C ARG A 171 18.87 28.34 3.18
N GLY A 172 18.25 27.35 3.81
CA GLY A 172 16.80 27.38 3.89
C GLY A 172 16.24 27.50 5.28
N ARG A 173 16.97 28.21 6.16
CA ARG A 173 16.58 28.42 7.55
C ARG A 173 15.20 29.09 7.76
N GLN A 174 14.90 30.12 6.97
CA GLN A 174 13.63 30.82 7.11
C GLN A 174 12.46 29.88 6.83
N ASN A 175 12.69 28.98 5.90
CA ASN A 175 11.66 28.00 5.53
C ASN A 175 11.41 26.95 6.59
N LEU A 176 12.47 26.46 7.20
CA LEU A 176 12.32 25.42 8.21
C LEU A 176 11.90 25.93 9.58
N GLU A 177 12.30 27.14 9.93
CA GLU A 177 11.96 27.68 11.24
C GLU A 177 10.72 28.55 11.29
N TRP A 178 9.83 28.39 10.33
CA TRP A 178 8.59 29.15 10.28
C TRP A 178 7.54 28.51 11.19
N LYS A 179 6.76 29.35 11.89
CA LYS A 179 5.69 28.84 12.78
C LYS A 179 4.37 29.61 12.58
N GLU A 180 3.81 29.51 11.50
CA GLU A 180 2.53 30.17 11.26
C GLU A 180 1.53 29.51 12.22
N PRO A 181 1.05 30.25 13.25
CA PRO A 181 0.08 29.74 14.24
C PRO A 181 -1.28 29.49 13.60
N PRO A 182 -2.04 28.50 14.13
CA PRO A 182 -3.37 28.14 13.63
C PRO A 182 -4.51 29.15 13.92
N SER A 183 -5.45 29.30 12.99
CA SER A 183 -6.64 30.13 13.17
C SER A 183 -7.72 29.17 13.69
N MET A 184 -8.34 29.45 14.84
CA MET A 184 -9.33 28.53 15.44
C MET A 184 -10.84 28.82 15.38
N ARG A 185 -11.66 27.76 15.36
CA ARG A 185 -13.12 27.88 15.37
C ARG A 185 -13.69 26.64 16.11
N LEU A 186 -14.70 26.82 16.97
CA LEU A 186 -15.35 25.71 17.69
C LEU A 186 -16.90 25.76 17.45
N LYS A 187 -17.54 24.65 16.99
CA LYS A 187 -19.00 24.58 16.71
C LYS A 187 -19.69 23.31 17.23
N ALA A 188 -21.02 23.34 17.44
CA ALA A 188 -21.79 22.14 17.87
C ALA A 188 -22.96 21.71 16.90
N ARG A 189 -23.24 20.41 16.78
CA ARG A 189 -24.32 19.93 15.90
C ARG A 189 -24.93 18.65 16.51
N PRO A 190 -26.11 18.20 16.03
CA PRO A 190 -26.87 17.00 16.48
C PRO A 190 -26.11 15.68 16.36
N GLY A 191 -26.37 14.74 17.25
CA GLY A 191 -25.67 13.48 17.16
C GLY A 191 -26.60 12.29 17.02
N ASN A 192 -26.24 11.22 17.71
CA ASN A 192 -27.08 10.03 17.72
C ASN A 192 -28.19 10.29 18.83
N SER A 193 -29.20 9.43 18.96
CA SER A 193 -30.28 9.63 19.94
C SER A 193 -29.87 10.19 21.31
N GLY A 194 -30.13 11.48 21.53
CA GLY A 194 -29.84 12.17 22.78
C GLY A 194 -28.44 12.76 22.94
N SER A 195 -27.66 12.73 21.86
CA SER A 195 -26.30 13.22 21.91
C SER A 195 -26.05 14.39 21.00
N SER A 196 -24.92 15.03 21.28
CA SER A 196 -24.45 16.17 20.53
C SER A 196 -22.97 15.89 20.19
N VAL A 197 -22.46 16.55 19.14
CA VAL A 197 -21.05 16.43 18.71
C VAL A 197 -20.41 17.81 18.53
N LEU A 198 -19.33 18.05 19.28
CA LEU A 198 -18.58 19.30 19.18
C LEU A 198 -17.40 19.08 18.22
N THR A 199 -17.09 20.05 17.37
CA THR A 199 -15.96 19.95 16.41
C THR A 199 -15.02 21.15 16.56
N CYS A 200 -13.80 20.94 17.05
CA CYS A 200 -12.80 22.03 17.15
C CYS A 200 -11.93 21.99 15.84
N ALA A 201 -11.89 23.05 15.03
CA ALA A 201 -11.14 23.05 13.75
C ALA A 201 -9.99 24.07 13.67
N ALA A 202 -8.81 23.65 13.19
CA ALA A 202 -7.61 24.53 13.09
C ALA A 202 -7.16 24.82 11.64
N PHE A 203 -7.16 26.10 11.25
CA PHE A 203 -6.81 26.49 9.88
C PHE A 203 -5.38 27.11 9.72
N SER A 204 -4.79 26.88 8.52
CA SER A 204 -3.49 27.42 8.09
C SER A 204 -2.30 27.52 9.02
N PHE A 205 -1.77 26.39 9.47
CA PHE A 205 -0.60 26.47 10.32
C PHE A 205 0.60 25.65 9.78
N TYR A 206 1.77 25.96 10.32
CA TYR A 206 3.03 25.28 10.01
C TYR A 206 3.95 25.54 11.21
N PRO A 207 4.59 24.49 11.77
CA PRO A 207 4.59 23.05 11.48
C PRO A 207 3.30 22.28 11.76
N PRO A 208 3.24 21.01 11.31
CA PRO A 208 2.07 20.15 11.49
C PRO A 208 1.78 19.62 12.89
N GLU A 209 2.72 19.81 13.81
CA GLU A 209 2.54 19.37 15.20
C GLU A 209 1.66 20.41 15.94
N LEU A 210 0.56 19.89 16.49
CA LEU A 210 -0.48 20.63 17.20
C LEU A 210 -1.16 19.68 18.20
N LYS A 211 -1.50 20.16 19.39
CA LYS A 211 -2.14 19.32 20.41
C LYS A 211 -3.54 19.85 20.78
N PHE A 212 -4.55 18.98 20.81
CA PHE A 212 -5.91 19.37 21.17
C PHE A 212 -6.31 18.88 22.57
N ARG A 213 -6.96 19.76 23.34
CA ARG A 213 -7.51 19.33 24.62
C ARG A 213 -8.86 20.04 24.84
N PHE A 214 -9.89 19.24 25.12
CA PHE A 214 -11.21 19.75 25.41
C PHE A 214 -11.28 19.93 26.96
N LEU A 215 -12.04 20.94 27.38
CA LEU A 215 -12.24 21.29 28.80
C LEU A 215 -13.72 21.46 29.19
N ARG A 216 -14.18 20.74 30.22
CA ARG A 216 -15.56 20.88 30.75
C ARG A 216 -15.44 21.69 32.06
N ASN A 217 -15.96 22.91 32.08
CA ASN A 217 -15.88 23.73 33.28
C ASN A 217 -14.44 23.94 33.73
N GLY A 218 -13.58 24.29 32.76
CA GLY A 218 -12.16 24.55 32.98
C GLY A 218 -11.26 23.40 33.34
N LEU A 219 -11.78 22.19 33.20
CA LEU A 219 -11.01 21.01 33.54
C LEU A 219 -10.83 20.01 32.37
N ALA A 220 -9.57 19.65 32.08
CA ALA A 220 -9.19 18.68 31.03
C ALA A 220 -10.24 17.58 30.87
N SER A 221 -10.64 17.32 29.62
CA SER A 221 -11.71 16.35 29.37
C SER A 221 -11.49 15.34 28.23
N GLY A 222 -10.27 15.23 27.72
CA GLY A 222 -10.03 14.31 26.62
C GLY A 222 -9.57 15.12 25.43
N SER A 223 -9.19 14.45 24.35
CA SER A 223 -8.73 15.19 23.19
C SER A 223 -9.60 15.01 21.98
N GLY A 224 -10.63 14.16 22.09
CA GLY A 224 -11.56 13.91 20.98
C GLY A 224 -11.00 13.00 19.90
N ASN A 225 -11.81 12.67 18.88
CA ASN A 225 -11.41 11.84 17.72
C ASN A 225 -10.84 12.80 16.68
N CYS A 226 -9.51 12.96 16.64
CA CYS A 226 -8.81 13.88 15.70
C CYS A 226 -8.21 13.41 14.34
N SER A 227 -7.99 14.36 13.42
CA SER A 227 -7.39 14.07 12.11
C SER A 227 -6.76 15.31 11.52
N THR A 228 -5.80 15.13 10.59
CA THR A 228 -5.08 16.21 9.88
C THR A 228 -5.08 15.94 8.37
N GLY A 229 -4.80 16.98 7.59
CA GLY A 229 -4.79 16.89 6.14
C GLY A 229 -4.10 18.11 5.53
N PRO A 230 -3.60 17.99 4.30
CA PRO A 230 -2.92 19.10 3.63
C PRO A 230 -3.88 20.16 3.23
N ASN A 231 -3.38 21.40 3.14
CA ASN A 231 -4.19 22.56 2.84
C ASN A 231 -4.07 23.23 1.49
N GLY A 232 -3.35 22.62 0.55
CA GLY A 232 -3.19 23.20 -0.76
C GLY A 232 -2.20 24.36 -1.00
N ASP A 233 -1.52 24.87 0.03
CA ASP A 233 -0.59 25.99 -0.14
C ASP A 233 0.64 26.02 0.77
N GLY A 234 0.97 24.89 1.42
CA GLY A 234 2.11 24.87 2.33
C GLY A 234 1.76 24.68 3.82
N SER A 235 0.57 25.14 4.23
CA SER A 235 0.11 25.02 5.63
C SER A 235 -0.83 23.84 5.84
N PHE A 236 -1.19 23.53 7.08
CA PHE A 236 -2.12 22.41 7.33
C PHE A 236 -3.51 22.76 7.93
N HIS A 237 -4.39 21.77 8.01
CA HIS A 237 -5.74 21.90 8.58
C HIS A 237 -6.00 20.66 9.49
N ALA A 238 -6.58 20.85 10.69
CA ALA A 238 -6.94 19.71 11.56
C ALA A 238 -8.33 19.87 12.21
N TRP A 239 -8.79 18.82 12.89
CA TRP A 239 -10.09 18.82 13.56
C TRP A 239 -10.26 17.65 14.54
N SER A 240 -10.97 17.87 15.63
CA SER A 240 -11.26 16.85 16.67
C SER A 240 -12.78 16.82 17.03
N LEU A 241 -13.36 15.63 17.20
CA LEU A 241 -14.79 15.48 17.51
C LEU A 241 -15.04 14.92 18.90
N LEU A 242 -16.00 15.50 19.62
CA LEU A 242 -16.34 15.03 20.98
C LEU A 242 -17.85 14.86 21.12
N GLU A 243 -18.28 13.71 21.60
CA GLU A 243 -19.72 13.45 21.81
C GLU A 243 -20.14 13.85 23.24
N VAL A 244 -21.16 14.70 23.36
CA VAL A 244 -21.64 15.12 24.68
C VAL A 244 -23.15 14.85 24.77
N LYS A 245 -23.68 14.89 25.99
CA LYS A 245 -25.11 14.68 26.23
C LYS A 245 -25.84 15.93 25.72
N ARG A 246 -26.99 15.74 25.07
CA ARG A 246 -27.78 16.85 24.49
C ARG A 246 -28.14 17.87 25.60
N GLY A 247 -27.98 19.16 25.32
CA GLY A 247 -28.22 20.17 26.34
C GLY A 247 -26.95 20.54 27.13
N ASP A 248 -25.90 19.71 27.04
CA ASP A 248 -24.60 19.88 27.77
C ASP A 248 -23.47 20.71 27.14
N GLU A 249 -23.70 21.14 25.91
CA GLU A 249 -22.71 21.87 25.18
C GLU A 249 -21.93 23.09 25.73
N HIS A 250 -22.65 24.06 26.29
CA HIS A 250 -22.03 25.27 26.81
C HIS A 250 -21.01 25.08 27.95
N HIS A 251 -20.75 23.83 28.34
CA HIS A 251 -19.80 23.59 29.44
C HIS A 251 -18.37 23.39 28.91
N TYR A 252 -18.27 23.13 27.61
CA TYR A 252 -17.01 22.84 26.95
C TYR A 252 -16.27 23.95 26.24
N GLN A 253 -14.94 23.87 26.29
CA GLN A 253 -14.04 24.79 25.61
C GLN A 253 -13.02 23.92 24.86
N CYS A 254 -12.32 24.53 23.90
CA CYS A 254 -11.28 23.81 23.17
C CYS A 254 -9.96 24.57 23.35
N GLN A 255 -8.89 23.85 23.65
CA GLN A 255 -7.57 24.45 23.84
C GLN A 255 -6.48 23.74 23.00
N VAL A 256 -5.68 24.52 22.26
CA VAL A 256 -4.56 23.98 21.42
C VAL A 256 -3.14 24.53 21.74
N GLU A 257 -2.15 23.66 21.55
CA GLU A 257 -0.74 24.01 21.73
C GLU A 257 -0.01 24.02 20.36
N HIS A 258 0.86 24.99 20.13
CA HIS A 258 1.61 25.04 18.89
C HIS A 258 2.84 25.95 19.03
N GLU A 259 3.95 25.52 18.42
CA GLU A 259 5.24 26.25 18.43
C GLU A 259 5.13 27.70 17.94
N GLY A 260 4.07 28.03 17.20
CA GLY A 260 3.88 29.39 16.73
C GLY A 260 3.14 30.28 17.75
N LEU A 261 2.73 29.69 18.86
CA LEU A 261 2.02 30.39 19.90
C LEU A 261 2.89 30.56 21.14
N ALA A 262 2.81 31.74 21.77
CA ALA A 262 3.55 32.08 22.99
C ALA A 262 3.15 31.25 24.22
N GLN A 263 1.89 30.82 24.24
CA GLN A 263 1.32 29.98 25.29
C GLN A 263 0.01 29.43 24.71
N PRO A 264 -0.56 28.33 25.28
CA PRO A 264 -1.80 27.72 24.77
C PRO A 264 -2.89 28.71 24.40
N LEU A 265 -3.80 28.33 23.52
CA LEU A 265 -4.84 29.25 23.08
C LEU A 265 -6.22 28.66 23.36
N THR A 266 -7.00 29.28 24.26
CA THR A 266 -8.34 28.78 24.58
C THR A 266 -9.37 29.34 23.59
N VAL A 267 -10.21 28.45 23.09
CA VAL A 267 -11.25 28.76 22.10
C VAL A 267 -12.65 28.61 22.70
N ASP A 268 -13.57 29.48 22.28
CA ASP A 268 -14.95 29.46 22.77
C ASP A 268 -16.02 29.19 21.70
N LEU A 269 -17.07 28.51 22.12
CA LEU A 269 -18.22 28.20 21.24
C LEU A 269 -18.93 29.52 20.77
N ILE B 1 -1.78 -6.25 -2.66
CA ILE B 1 -2.69 -6.05 -1.51
C ILE B 1 -3.51 -4.76 -1.71
N GLN B 2 -4.83 -4.92 -1.92
CA GLN B 2 -5.74 -3.80 -2.16
C GLN B 2 -6.19 -3.07 -0.90
N LYS B 3 -6.43 -1.76 -1.04
CA LYS B 3 -6.87 -0.91 0.08
C LYS B 3 -7.82 0.18 -0.42
N THR B 4 -9.03 0.26 0.15
CA THR B 4 -10.01 1.28 -0.28
C THR B 4 -9.63 2.69 0.18
N PRO B 5 -9.91 3.71 -0.62
CA PRO B 5 -9.50 5.02 -0.11
C PRO B 5 -10.36 5.60 1.00
N GLN B 6 -9.74 6.53 1.71
CA GLN B 6 -10.35 7.29 2.77
C GLN B 6 -10.52 8.66 2.07
N ILE B 7 -11.67 9.31 2.27
CA ILE B 7 -11.96 10.56 1.60
C ILE B 7 -12.41 11.64 2.60
N GLN B 8 -11.73 12.80 2.59
CA GLN B 8 -11.99 13.92 3.52
C GLN B 8 -12.08 15.31 2.85
N VAL B 9 -13.25 15.95 2.84
CA VAL B 9 -13.45 17.28 2.23
C VAL B 9 -13.41 18.47 3.29
N TYR B 10 -12.78 19.63 3.00
CA TYR B 10 -12.67 20.75 3.95
C TYR B 10 -12.28 22.04 3.27
N SER B 11 -12.22 23.15 4.00
CA SER B 11 -11.87 24.45 3.40
C SER B 11 -10.60 25.06 4.02
N ARG B 12 -9.95 25.96 3.28
CA ARG B 12 -8.71 26.63 3.72
C ARG B 12 -8.86 27.56 4.91
N HIS B 13 -9.69 28.57 4.71
CA HIS B 13 -10.00 29.56 5.73
C HIS B 13 -11.38 29.27 6.39
N PRO B 14 -11.66 29.83 7.60
CA PRO B 14 -12.99 29.57 8.22
C PRO B 14 -14.05 30.03 7.25
N PRO B 15 -14.98 29.13 6.84
CA PRO B 15 -16.03 29.51 5.88
C PRO B 15 -17.05 30.57 6.28
N GLU B 16 -17.51 31.32 5.26
CA GLU B 16 -18.48 32.39 5.36
C GLU B 16 -19.14 32.58 3.99
N ASN B 17 -20.46 32.35 3.88
CA ASN B 17 -21.18 32.53 2.61
C ASN B 17 -20.86 33.84 1.91
N GLY B 18 -20.81 33.80 0.59
CA GLY B 18 -20.53 35.02 -0.18
C GLY B 18 -19.08 35.52 -0.12
N LYS B 19 -18.20 34.80 0.57
CA LYS B 19 -16.79 35.20 0.69
C LYS B 19 -15.87 34.14 0.00
N PRO B 20 -15.02 34.59 -0.96
CA PRO B 20 -14.05 33.77 -1.72
C PRO B 20 -13.11 32.89 -0.81
N ASN B 21 -12.99 31.61 -1.16
CA ASN B 21 -12.19 30.67 -0.36
C ASN B 21 -11.62 29.58 -1.33
N PHE B 22 -11.17 28.45 -0.78
CA PHE B 22 -10.64 27.30 -1.55
C PHE B 22 -11.15 25.96 -1.01
N LEU B 23 -11.71 25.14 -1.88
CA LEU B 23 -12.20 23.83 -1.51
C LEU B 23 -11.08 22.76 -1.65
N ASN B 24 -10.94 21.91 -0.64
CA ASN B 24 -9.94 20.85 -0.57
C ASN B 24 -10.53 19.42 -0.39
N CYS B 25 -10.21 18.47 -1.29
CA CYS B 25 -10.59 17.04 -1.11
C CYS B 25 -9.24 16.29 -0.92
N TYR B 26 -9.03 15.64 0.24
CA TYR B 26 -7.82 14.89 0.54
C TYR B 26 -8.18 13.42 0.54
N VAL B 27 -7.72 12.74 -0.50
CA VAL B 27 -7.96 11.30 -0.73
C VAL B 27 -6.65 10.58 -0.31
N SER B 28 -6.77 9.62 0.62
CA SER B 28 -5.61 8.92 1.14
C SER B 28 -5.84 7.43 1.47
N GLN B 29 -4.79 6.76 2.00
CA GLN B 29 -4.88 5.35 2.38
C GLN B 29 -5.18 4.36 1.26
N PHE B 30 -4.96 4.74 0.00
CA PHE B 30 -5.30 3.80 -1.07
C PHE B 30 -4.21 3.01 -1.82
N HIS B 31 -4.63 1.88 -2.41
CA HIS B 31 -3.77 1.02 -3.23
C HIS B 31 -4.66 0.14 -4.15
N PRO B 32 -4.40 0.10 -5.49
CA PRO B 32 -3.37 0.75 -6.33
C PRO B 32 -3.52 2.25 -6.50
N PRO B 33 -2.54 2.90 -7.16
CA PRO B 33 -2.54 4.34 -7.40
C PRO B 33 -3.41 4.83 -8.55
N GLN B 34 -4.05 3.91 -9.27
CA GLN B 34 -4.93 4.31 -10.37
C GLN B 34 -6.27 4.69 -9.70
N ILE B 35 -6.64 5.97 -9.82
CA ILE B 35 -7.86 6.47 -9.19
C ILE B 35 -8.42 7.64 -10.01
N GLU B 36 -9.74 7.84 -9.95
CA GLU B 36 -10.41 8.97 -10.65
C GLU B 36 -10.94 9.87 -9.54
N ILE B 37 -10.82 11.18 -9.69
CA ILE B 37 -11.27 12.10 -8.66
C ILE B 37 -11.88 13.41 -9.19
N GLU B 38 -13.15 13.69 -8.87
CA GLU B 38 -13.69 14.98 -9.34
C GLU B 38 -14.39 15.81 -8.26
N LEU B 39 -14.33 17.12 -8.45
CA LEU B 39 -15.03 18.02 -7.54
C LEU B 39 -16.46 18.36 -8.10
N LEU B 40 -17.48 18.08 -7.30
CA LEU B 40 -18.85 18.32 -7.74
C LEU B 40 -19.55 19.54 -7.13
N LYS B 41 -20.39 20.18 -7.93
CA LYS B 41 -21.24 21.30 -7.52
C LYS B 41 -22.70 20.91 -7.91
N ASN B 42 -23.50 20.56 -6.91
CA ASN B 42 -24.87 20.17 -7.15
C ASN B 42 -24.88 18.86 -8.01
N GLY B 43 -23.98 17.94 -7.66
CA GLY B 43 -23.89 16.66 -8.37
C GLY B 43 -23.29 16.63 -9.78
N LYS B 44 -22.92 17.78 -10.32
CA LYS B 44 -22.33 17.91 -11.65
C LYS B 44 -20.87 18.44 -11.59
N LYS B 45 -19.94 17.71 -12.23
CA LYS B 45 -18.49 18.03 -12.30
C LYS B 45 -18.03 19.49 -12.52
N ILE B 46 -17.15 19.97 -11.67
CA ILE B 46 -16.63 21.34 -11.80
C ILE B 46 -15.41 21.22 -12.73
N PRO B 47 -15.29 22.13 -13.71
CA PRO B 47 -14.21 22.18 -14.69
C PRO B 47 -12.95 22.95 -14.25
N ASN B 48 -11.79 22.43 -14.61
CA ASN B 48 -10.53 23.06 -14.31
C ASN B 48 -10.03 23.11 -12.91
N ILE B 49 -10.01 21.98 -12.20
CA ILE B 49 -9.46 22.02 -10.84
C ILE B 49 -7.93 21.76 -10.85
N GLU B 50 -7.28 21.88 -9.69
CA GLU B 50 -5.85 21.63 -9.49
C GLU B 50 -5.63 20.40 -8.61
N MET B 51 -4.40 19.86 -8.62
CA MET B 51 -4.02 18.68 -7.82
C MET B 51 -2.55 18.77 -7.43
N SER B 52 -2.22 18.21 -6.27
CA SER B 52 -0.86 18.25 -5.83
C SER B 52 -0.16 17.04 -6.47
N ASP B 53 1.12 16.86 -6.11
CA ASP B 53 1.91 15.75 -6.58
C ASP B 53 1.42 14.56 -5.77
N LEU B 54 1.35 13.39 -6.41
CA LEU B 54 0.92 12.14 -5.77
C LEU B 54 2.09 11.61 -4.93
N SER B 55 1.80 11.25 -3.68
CA SER B 55 2.79 10.75 -2.73
C SER B 55 2.28 9.55 -1.95
N PHE B 56 2.96 9.18 -0.87
CA PHE B 56 2.58 7.99 -0.10
C PHE B 56 3.20 8.08 1.27
N SER B 57 2.77 7.21 2.14
CA SER B 57 3.19 7.24 3.51
C SER B 57 4.03 6.04 3.96
N LYS B 58 4.51 6.13 5.19
CA LYS B 58 5.31 5.11 5.81
C LYS B 58 4.74 3.70 5.72
N ASP B 59 3.45 3.55 5.47
CA ASP B 59 2.83 2.22 5.34
C ASP B 59 2.57 1.89 3.88
N TRP B 60 3.16 2.68 2.99
CA TRP B 60 3.04 2.50 1.55
C TRP B 60 1.79 3.00 0.87
N SER B 61 0.64 3.13 1.57
CA SER B 61 -0.60 3.62 0.92
C SER B 61 -0.47 5.06 0.38
N PHE B 62 -1.13 5.34 -0.72
CA PHE B 62 -1.06 6.63 -1.41
C PHE B 62 -1.97 7.74 -0.91
N TYR B 63 -1.60 8.98 -1.24
CA TYR B 63 -2.34 10.17 -0.85
C TYR B 63 -2.14 11.36 -1.81
N ILE B 64 -3.16 12.20 -1.99
CA ILE B 64 -3.08 13.34 -2.89
C ILE B 64 -4.20 14.40 -2.55
N LEU B 65 -3.99 15.65 -2.97
CA LEU B 65 -4.89 16.79 -2.75
C LEU B 65 -5.50 17.53 -3.99
N ALA B 66 -6.81 17.34 -4.21
CA ALA B 66 -7.54 18.07 -5.28
C ALA B 66 -8.09 19.39 -4.65
N HIS B 67 -8.07 20.49 -5.40
CA HIS B 67 -8.56 21.72 -4.83
C HIS B 67 -8.92 22.74 -5.89
N THR B 68 -9.62 23.79 -5.48
CA THR B 68 -10.06 24.86 -6.39
C THR B 68 -10.65 26.05 -5.57
N GLU B 69 -10.79 27.19 -6.23
CA GLU B 69 -11.36 28.41 -5.63
C GLU B 69 -12.90 28.32 -5.71
N PHE B 70 -13.57 28.59 -4.58
CA PHE B 70 -15.04 28.57 -4.52
C PHE B 70 -15.57 29.55 -3.46
N THR B 71 -16.85 29.91 -3.61
CA THR B 71 -17.57 30.79 -2.68
C THR B 71 -18.80 30.03 -2.16
N PRO B 72 -18.78 29.66 -0.89
CA PRO B 72 -19.92 28.92 -0.32
C PRO B 72 -21.22 29.79 -0.27
N THR B 73 -22.36 29.13 -0.46
CA THR B 73 -23.68 29.77 -0.42
C THR B 73 -24.49 28.86 0.50
N GLU B 74 -25.71 29.26 0.84
CA GLU B 74 -26.49 28.41 1.70
C GLU B 74 -27.15 27.22 1.01
N THR B 75 -27.48 27.35 -0.29
CA THR B 75 -28.13 26.25 -1.05
C THR B 75 -27.28 25.25 -1.88
N ASP B 76 -26.12 25.69 -2.38
CA ASP B 76 -25.22 24.85 -3.21
C ASP B 76 -24.49 23.70 -2.49
N VAL B 77 -24.66 22.46 -2.97
CA VAL B 77 -24.02 21.25 -2.39
C VAL B 77 -22.67 20.89 -3.09
N TYR B 78 -21.61 20.74 -2.29
CA TYR B 78 -20.28 20.43 -2.81
C TYR B 78 -19.85 19.08 -2.32
N ALA B 79 -19.30 18.28 -3.23
CA ALA B 79 -18.85 16.95 -2.91
C ALA B 79 -17.54 16.53 -3.66
N CYS B 80 -17.15 15.28 -3.45
CA CYS B 80 -15.96 14.73 -4.06
C CYS B 80 -16.32 13.29 -4.48
N ARG B 81 -16.37 13.05 -5.79
CA ARG B 81 -16.65 11.68 -6.32
C ARG B 81 -15.30 10.97 -6.71
N VAL B 82 -15.18 9.72 -6.28
CA VAL B 82 -13.99 8.88 -6.48
C VAL B 82 -14.29 7.44 -7.02
N LYS B 83 -13.58 7.04 -8.07
CA LYS B 83 -13.73 5.70 -8.63
C LYS B 83 -12.37 4.99 -8.44
N HIS B 84 -12.42 3.71 -8.03
CA HIS B 84 -11.25 2.83 -7.75
C HIS B 84 -11.73 1.34 -7.82
N VAL B 85 -10.84 0.38 -8.14
CA VAL B 85 -11.21 -1.07 -8.26
C VAL B 85 -11.96 -1.64 -7.09
N THR B 86 -11.55 -1.22 -5.90
CA THR B 86 -12.18 -1.70 -4.69
C THR B 86 -13.63 -1.24 -4.60
N LEU B 87 -14.05 -0.32 -5.47
CA LEU B 87 -15.40 0.20 -5.45
C LEU B 87 -16.25 -0.33 -6.60
N LYS B 88 -17.31 -1.11 -6.30
CA LYS B 88 -18.24 -1.61 -7.35
C LYS B 88 -19.03 -0.44 -7.97
N GLU B 89 -19.47 0.47 -7.10
CA GLU B 89 -20.14 1.67 -7.56
C GLU B 89 -19.29 2.80 -6.98
N PRO B 90 -19.14 3.93 -7.69
CA PRO B 90 -18.33 5.03 -7.14
C PRO B 90 -18.87 5.52 -5.77
N LYS B 91 -18.01 6.22 -5.03
CA LYS B 91 -18.35 6.82 -3.74
C LYS B 91 -18.39 8.33 -3.87
N THR B 92 -19.45 8.95 -3.35
CA THR B 92 -19.63 10.41 -3.34
C THR B 92 -19.63 10.87 -1.87
N VAL B 93 -18.78 11.82 -1.52
CA VAL B 93 -18.72 12.32 -0.14
C VAL B 93 -19.04 13.84 -0.13
N THR B 94 -20.02 14.28 0.69
CA THR B 94 -20.44 15.69 0.72
C THR B 94 -19.67 16.60 1.71
N TRP B 95 -19.39 17.85 1.32
CA TRP B 95 -18.67 18.76 2.21
C TRP B 95 -19.49 19.14 3.49
N ASP B 96 -18.85 18.92 4.64
CA ASP B 96 -19.37 19.25 5.99
C ASP B 96 -18.69 20.52 6.52
N ARG B 97 -19.47 21.59 6.60
CA ARG B 97 -19.01 22.89 7.07
C ARG B 97 -18.35 23.03 8.46
N ASP B 98 -18.47 22.05 9.34
CA ASP B 98 -17.85 22.17 10.67
C ASP B 98 -16.45 21.61 10.74
N MET B 99 -16.03 20.99 9.64
CA MET B 99 -14.73 20.34 9.53
C MET B 99 -13.48 21.22 9.47
N SER C 1 -22.69 -27.11 6.65
CA SER C 1 -21.29 -27.40 6.99
C SER C 1 -20.33 -26.33 6.42
N VAL C 2 -19.50 -25.76 7.28
CA VAL C 2 -18.60 -24.65 6.93
C VAL C 2 -17.13 -25.05 6.82
N PHE C 3 -16.66 -25.17 5.59
CA PHE C 3 -15.24 -25.34 5.29
C PHE C 3 -14.56 -24.00 5.10
N LEU C 4 -13.30 -23.96 5.46
CA LEU C 4 -12.50 -22.73 5.37
C LEU C 4 -11.11 -22.99 4.79
N PHE C 5 -10.90 -22.44 3.63
CA PHE C 5 -9.67 -22.68 2.87
C PHE C 5 -8.68 -21.53 2.98
N PRO C 6 -7.43 -21.86 2.88
CA PRO C 6 -6.31 -20.91 2.86
C PRO C 6 -6.20 -20.20 1.50
N PRO C 7 -5.50 -19.10 1.49
CA PRO C 7 -4.92 -18.53 0.28
C PRO C 7 -3.91 -19.48 -0.32
N LYS C 8 -3.86 -19.47 -1.62
CA LYS C 8 -2.84 -20.13 -2.42
C LYS C 8 -1.46 -19.55 -2.10
N PRO C 9 -0.50 -20.40 -1.79
CA PRO C 9 0.83 -19.99 -1.30
C PRO C 9 1.54 -18.98 -2.21
N LYS C 10 1.44 -19.17 -3.50
CA LYS C 10 1.93 -18.24 -4.51
C LYS C 10 1.37 -16.83 -4.32
N ASP C 11 0.11 -16.78 -3.95
CA ASP C 11 -0.73 -15.57 -3.79
C ASP C 11 -0.51 -14.82 -2.48
N THR C 12 0.15 -15.46 -1.55
CA THR C 12 0.51 -14.81 -0.28
C THR C 12 1.97 -14.44 -0.28
N LEU C 13 2.63 -14.99 -1.29
CA LEU C 13 4.07 -14.86 -1.42
C LEU C 13 4.43 -13.68 -2.27
N MET C 14 3.59 -13.46 -3.27
CA MET C 14 3.81 -12.46 -4.33
C MET C 14 2.91 -11.25 -4.25
N ILE C 15 3.57 -10.08 -4.08
CA ILE C 15 2.91 -8.81 -3.70
C ILE C 15 2.07 -8.24 -4.83
N SER C 16 2.38 -8.82 -5.96
CA SER C 16 1.73 -8.72 -7.24
C SER C 16 0.45 -9.54 -7.31
N ARG C 17 0.30 -10.42 -6.35
CA ARG C 17 -0.87 -11.28 -6.23
C ARG C 17 -1.78 -10.81 -5.13
N THR C 18 -2.93 -11.42 -5.01
CA THR C 18 -3.82 -11.14 -3.87
C THR C 18 -4.39 -12.40 -3.21
N PRO C 19 -3.98 -12.60 -1.95
CA PRO C 19 -4.39 -13.70 -1.07
C PRO C 19 -5.83 -13.57 -0.57
N GLU C 20 -6.55 -14.67 -0.61
CA GLU C 20 -7.95 -14.78 -0.17
C GLU C 20 -8.21 -16.02 0.68
N VAL C 21 -8.89 -15.83 1.80
CA VAL C 21 -9.40 -16.88 2.71
C VAL C 21 -10.88 -17.18 2.48
N THR C 22 -11.14 -18.31 1.84
CA THR C 22 -12.47 -18.66 1.32
C THR C 22 -13.30 -19.58 2.22
N CYS C 23 -14.42 -19.06 2.68
CA CYS C 23 -15.32 -19.80 3.57
C CYS C 23 -16.48 -20.42 2.83
N VAL C 24 -16.30 -21.67 2.51
CA VAL C 24 -17.30 -22.42 1.77
C VAL C 24 -18.20 -23.29 2.63
N VAL C 25 -19.41 -22.81 2.76
CA VAL C 25 -20.52 -23.52 3.37
C VAL C 25 -21.43 -24.20 2.33
N VAL C 26 -21.65 -25.50 2.49
CA VAL C 26 -22.66 -26.18 1.65
C VAL C 26 -23.85 -26.73 2.44
N ASP C 27 -24.99 -26.01 2.29
CA ASP C 27 -26.36 -26.25 2.84
C ASP C 27 -27.20 -24.97 2.99
N VAL C 28 -27.14 -24.44 4.20
CA VAL C 28 -27.84 -23.24 4.69
C VAL C 28 -29.35 -23.38 4.81
N SER C 29 -29.95 -23.92 3.74
CA SER C 29 -31.36 -24.22 3.48
C SER C 29 -32.18 -23.04 2.96
N HIS C 30 -33.34 -23.38 2.45
CA HIS C 30 -34.38 -22.40 2.13
C HIS C 30 -35.31 -22.23 3.33
N GLU C 31 -36.01 -21.10 3.36
CA GLU C 31 -36.74 -20.55 4.50
C GLU C 31 -35.80 -19.97 5.56
N ASP C 32 -34.60 -20.50 5.61
CA ASP C 32 -33.52 -19.91 6.40
C ASP C 32 -32.22 -19.58 5.66
N PRO C 33 -32.24 -18.88 4.53
CA PRO C 33 -31.00 -18.59 3.77
C PRO C 33 -30.09 -17.57 4.47
N GLN C 34 -30.59 -17.02 5.55
CA GLN C 34 -30.01 -15.82 6.14
C GLN C 34 -28.78 -16.09 7.00
N VAL C 35 -27.75 -16.53 6.32
CA VAL C 35 -26.46 -16.85 6.92
C VAL C 35 -25.54 -15.63 7.03
N LYS C 36 -25.52 -15.06 8.21
CA LYS C 36 -24.64 -13.92 8.48
C LYS C 36 -23.21 -14.39 8.69
N PHE C 37 -22.37 -14.15 7.69
CA PHE C 37 -20.96 -14.46 7.79
C PHE C 37 -20.32 -13.44 8.72
N ASN C 38 -19.42 -13.96 9.53
CA ASN C 38 -18.66 -13.20 10.51
C ASN C 38 -17.18 -13.50 10.37
N TRP C 39 -16.44 -12.46 10.08
CA TRP C 39 -15.03 -12.58 9.79
C TRP C 39 -14.14 -11.84 10.78
N TYR C 40 -13.30 -12.62 11.42
CA TYR C 40 -12.42 -12.13 12.48
C TYR C 40 -10.97 -12.40 12.13
N VAL C 41 -10.12 -11.46 12.49
CA VAL C 41 -8.69 -11.55 12.15
C VAL C 41 -7.82 -11.22 13.34
N ASP C 42 -7.15 -12.26 13.78
CA ASP C 42 -6.72 -12.36 15.16
C ASP C 42 -7.95 -12.23 16.04
N GLY C 43 -8.02 -11.19 16.83
CA GLY C 43 -9.25 -11.01 17.63
C GLY C 43 -10.40 -10.32 16.89
N VAL C 44 -10.01 -9.31 16.13
CA VAL C 44 -10.90 -8.23 15.66
C VAL C 44 -11.79 -8.62 14.47
N GLN C 45 -13.05 -8.20 14.53
CA GLN C 45 -14.00 -8.34 13.40
C GLN C 45 -13.72 -7.29 12.31
N VAL C 46 -13.80 -7.75 11.09
CA VAL C 46 -13.27 -6.98 9.97
C VAL C 46 -14.36 -6.34 9.11
N HIS C 47 -15.57 -6.48 9.63
CA HIS C 47 -16.81 -6.12 8.91
C HIS C 47 -16.83 -6.92 7.62
N ASN C 48 -16.69 -6.16 6.54
CA ASN C 48 -16.41 -6.73 5.23
C ASN C 48 -14.96 -7.13 5.11
N ALA C 49 -14.09 -6.15 5.29
CA ALA C 49 -12.65 -6.24 4.97
C ALA C 49 -12.54 -6.77 3.56
N LYS C 50 -13.48 -6.27 2.77
CA LYS C 50 -13.79 -6.74 1.42
C LYS C 50 -14.13 -8.22 1.41
N THR C 51 -15.07 -8.58 2.28
CA THR C 51 -15.70 -9.90 2.29
C THR C 51 -16.73 -9.96 1.18
N LYS C 52 -16.67 -11.00 0.37
CA LYS C 52 -17.61 -11.06 -0.75
C LYS C 52 -18.31 -12.39 -1.04
N PRO C 53 -19.41 -12.66 -0.31
CA PRO C 53 -20.29 -13.83 -0.56
C PRO C 53 -21.07 -13.72 -1.85
N ARG C 54 -20.88 -14.69 -2.72
CA ARG C 54 -21.68 -14.76 -3.95
C ARG C 54 -22.54 -16.02 -4.07
N GLU C 55 -23.84 -15.83 -4.10
CA GLU C 55 -24.80 -16.95 -4.01
C GLU C 55 -24.82 -17.88 -5.21
N GLN C 56 -24.79 -19.18 -4.92
CA GLN C 56 -24.98 -20.29 -5.87
C GLN C 56 -26.18 -21.16 -5.51
N GLN C 57 -26.85 -21.71 -6.51
CA GLN C 57 -28.08 -22.51 -6.34
C GLN C 57 -27.93 -23.92 -6.89
N TYR C 58 -27.58 -24.84 -6.02
CA TYR C 58 -27.12 -26.19 -6.39
C TYR C 58 -28.13 -27.31 -6.17
N ASN C 59 -27.55 -28.49 -6.12
CA ASN C 59 -28.06 -29.81 -5.71
C ASN C 59 -29.58 -29.88 -5.60
N SER C 60 -29.98 -29.59 -4.40
CA SER C 60 -31.35 -29.44 -3.93
C SER C 60 -31.33 -28.43 -2.78
N THR C 61 -30.18 -27.79 -2.69
CA THR C 61 -29.79 -26.89 -1.60
C THR C 61 -28.88 -25.76 -2.10
N TYR C 62 -28.50 -24.84 -1.23
CA TYR C 62 -27.67 -23.70 -1.62
C TYR C 62 -26.18 -23.85 -1.27
N ARG C 63 -25.33 -23.39 -2.16
CA ARG C 63 -23.86 -23.33 -1.96
C ARG C 63 -23.28 -21.92 -1.86
N VAL C 64 -23.09 -21.50 -0.62
CA VAL C 64 -22.74 -20.11 -0.31
C VAL C 64 -21.28 -19.96 0.11
N VAL C 65 -20.59 -19.01 -0.51
CA VAL C 65 -19.14 -18.78 -0.32
C VAL C 65 -18.81 -17.30 -0.12
N SER C 66 -18.16 -16.98 1.00
CA SER C 66 -17.56 -15.65 1.22
C SER C 66 -16.03 -15.63 1.26
N VAL C 67 -15.44 -14.69 0.53
CA VAL C 67 -13.97 -14.66 0.31
C VAL C 67 -13.31 -13.44 0.96
N LEU C 68 -12.71 -13.67 2.10
CA LEU C 68 -11.99 -12.59 2.77
C LEU C 68 -10.60 -12.45 2.19
N THR C 69 -10.33 -11.27 1.73
CA THR C 69 -9.00 -10.94 1.27
C THR C 69 -8.10 -10.51 2.43
N VAL C 70 -6.90 -11.07 2.42
CA VAL C 70 -5.84 -11.08 3.46
C VAL C 70 -4.65 -10.22 3.08
N LEU C 71 -4.06 -9.56 4.05
CA LEU C 71 -2.75 -8.92 3.83
C LEU C 71 -1.65 -9.97 3.91
N HIS C 72 -0.89 -10.10 2.85
CA HIS C 72 0.30 -10.96 2.70
C HIS C 72 1.10 -11.09 3.99
N GLN C 73 1.44 -9.94 4.51
CA GLN C 73 2.14 -9.72 5.76
C GLN C 73 1.51 -10.45 6.95
N ASN C 74 0.19 -10.30 7.11
CA ASN C 74 -0.56 -10.83 8.26
C ASN C 74 -0.59 -12.35 8.33
N TRP C 75 -0.87 -12.97 7.18
CA TRP C 75 -0.89 -14.42 7.03
C TRP C 75 0.50 -15.03 7.16
N LEU C 76 1.49 -14.37 6.56
CA LEU C 76 2.90 -14.73 6.73
C LEU C 76 3.31 -14.53 8.19
N ASP C 77 2.65 -13.63 8.87
CA ASP C 77 2.94 -13.45 10.31
C ASP C 77 1.92 -14.22 11.13
N GLY C 78 1.13 -15.00 10.41
CA GLY C 78 0.14 -15.96 10.93
C GLY C 78 -0.87 -15.37 11.92
N LYS C 79 -1.83 -14.66 11.38
CA LYS C 79 -3.00 -14.26 12.17
C LYS C 79 -4.07 -15.32 12.08
N GLU C 80 -5.05 -15.27 12.96
CA GLU C 80 -6.11 -16.27 12.84
C GLU C 80 -7.30 -15.74 12.06
N TYR C 81 -7.58 -16.44 11.01
CA TYR C 81 -8.68 -16.13 10.11
C TYR C 81 -9.91 -16.96 10.46
N LYS C 82 -10.73 -16.36 11.29
CA LYS C 82 -11.88 -17.03 11.90
C LYS C 82 -13.19 -16.74 11.19
N CYS C 83 -13.71 -17.72 10.52
CA CYS C 83 -15.01 -17.61 9.87
C CYS C 83 -16.13 -18.17 10.75
N LYS C 84 -17.23 -17.43 10.80
CA LYS C 84 -18.40 -17.77 11.62
C LYS C 84 -19.71 -17.68 10.83
N VAL C 85 -20.46 -18.77 10.76
CA VAL C 85 -21.76 -18.71 10.08
C VAL C 85 -22.99 -18.85 10.99
N SER C 86 -23.86 -17.83 10.90
CA SER C 86 -25.03 -17.57 11.79
C SER C 86 -26.28 -18.41 11.57
N ASN C 87 -27.27 -17.83 10.88
CA ASN C 87 -28.63 -18.38 10.68
C ASN C 87 -29.54 -18.50 11.89
N LYS C 88 -30.71 -19.07 11.67
CA LYS C 88 -31.69 -19.40 12.72
C LYS C 88 -32.08 -20.89 12.74
N ALA C 89 -31.99 -21.52 11.59
CA ALA C 89 -32.13 -22.99 11.48
C ALA C 89 -30.94 -23.71 12.09
N LEU C 90 -30.06 -22.90 12.62
CA LEU C 90 -28.74 -23.27 13.12
C LEU C 90 -28.50 -22.76 14.53
N PRO C 91 -28.64 -23.67 15.48
CA PRO C 91 -28.65 -23.38 16.93
C PRO C 91 -27.37 -22.73 17.44
N ALA C 92 -26.30 -22.88 16.70
CA ALA C 92 -24.97 -22.39 17.12
C ALA C 92 -24.10 -21.89 15.97
N PRO C 93 -23.45 -20.78 16.21
CA PRO C 93 -22.49 -20.14 15.28
C PRO C 93 -21.30 -21.03 14.93
N ILE C 94 -21.38 -21.62 13.76
CA ILE C 94 -20.34 -22.51 13.21
C ILE C 94 -18.98 -21.81 12.97
N GLU C 95 -18.06 -22.05 13.89
CA GLU C 95 -16.74 -21.38 13.95
C GLU C 95 -15.61 -22.24 13.39
N LYS C 96 -14.72 -21.54 12.73
CA LYS C 96 -13.64 -22.11 11.93
C LYS C 96 -12.39 -21.23 11.92
N THR C 97 -11.28 -21.72 12.43
CA THR C 97 -10.00 -20.98 12.45
C THR C 97 -8.94 -21.58 11.54
N ILE C 98 -8.37 -20.71 10.73
CA ILE C 98 -7.16 -21.02 9.99
C ILE C 98 -6.09 -19.98 10.26
N SER C 99 -4.88 -20.30 9.91
CA SER C 99 -3.64 -19.54 10.02
C SER C 99 -2.60 -20.43 9.34
N LYS C 100 -1.37 -19.99 9.21
CA LYS C 100 -0.41 -20.97 8.67
C LYS C 100 0.29 -21.78 9.73
N ALA C 101 0.80 -22.90 9.25
CA ALA C 101 1.57 -23.93 9.95
C ALA C 101 1.80 -23.66 11.44
N LYS C 102 2.76 -22.79 11.66
CA LYS C 102 3.38 -22.43 12.94
C LYS C 102 4.51 -23.38 13.28
N GLY C 103 5.73 -22.93 13.11
CA GLY C 103 6.85 -23.83 13.33
C GLY C 103 8.18 -23.11 13.51
N GLN C 104 7.35 -27.39 11.90
CA GLN C 104 8.68 -26.79 11.61
C GLN C 104 9.10 -27.11 10.19
N PRO C 105 9.21 -26.08 9.42
CA PRO C 105 9.39 -26.17 7.99
C PRO C 105 10.61 -26.98 7.62
N ARG C 106 10.43 -27.74 6.56
CA ARG C 106 11.49 -28.45 5.91
C ARG C 106 11.62 -28.05 4.43
N GLU C 107 12.81 -27.70 4.05
CA GLU C 107 13.15 -27.22 2.70
C GLU C 107 13.19 -28.32 1.66
N PRO C 108 12.43 -28.14 0.58
CA PRO C 108 12.32 -29.10 -0.53
C PRO C 108 13.60 -29.28 -1.33
N GLN C 109 13.75 -30.47 -1.84
CA GLN C 109 14.87 -30.93 -2.65
C GLN C 109 14.43 -31.09 -4.10
N VAL C 110 14.88 -30.20 -4.94
CA VAL C 110 14.45 -30.17 -6.34
C VAL C 110 15.51 -30.66 -7.33
N TYR C 111 15.33 -31.90 -7.77
CA TYR C 111 16.18 -32.55 -8.80
C TYR C 111 15.37 -32.76 -10.09
N THR C 112 15.98 -32.43 -11.19
CA THR C 112 15.27 -32.54 -12.46
C THR C 112 15.75 -33.72 -13.26
N LEU C 113 14.82 -34.53 -13.72
CA LEU C 113 15.14 -35.83 -14.35
C LEU C 113 14.74 -35.84 -15.81
N PRO C 114 15.72 -36.09 -16.61
CA PRO C 114 15.63 -36.34 -18.07
C PRO C 114 14.78 -37.54 -18.42
N PRO C 115 14.20 -37.58 -19.62
CA PRO C 115 13.60 -38.77 -20.23
C PRO C 115 14.56 -39.96 -20.32
N SER C 116 13.99 -41.15 -20.21
CA SER C 116 14.74 -42.40 -20.46
C SER C 116 14.97 -42.70 -21.94
N ARG C 117 16.06 -43.40 -22.20
CA ARG C 117 16.51 -43.68 -23.58
C ARG C 117 15.49 -44.50 -24.35
N GLU C 118 14.87 -45.39 -23.60
CA GLU C 118 13.75 -46.23 -24.03
C GLU C 118 12.54 -45.37 -24.37
N GLU C 119 12.58 -44.14 -23.93
CA GLU C 119 11.48 -43.19 -24.15
C GLU C 119 11.81 -42.28 -25.31
N MET C 120 13.06 -42.28 -25.69
CA MET C 120 13.36 -41.60 -26.94
C MET C 120 12.98 -42.44 -28.15
N THR C 121 12.34 -43.55 -27.90
CA THR C 121 11.77 -44.35 -28.97
C THR C 121 10.34 -43.93 -29.22
N LYS C 122 9.89 -43.09 -28.32
CA LYS C 122 8.63 -42.37 -28.47
C LYS C 122 8.96 -41.01 -29.08
N ASN C 123 8.00 -40.41 -29.77
CA ASN C 123 8.25 -39.08 -30.29
C ASN C 123 7.50 -37.97 -29.55
N GLN C 124 7.17 -38.33 -28.36
CA GLN C 124 6.94 -37.39 -27.26
C GLN C 124 7.64 -37.87 -25.99
N VAL C 125 8.43 -37.03 -25.40
CA VAL C 125 9.07 -37.48 -24.17
C VAL C 125 8.56 -36.78 -22.92
N SER C 126 8.99 -37.31 -21.80
CA SER C 126 8.59 -36.71 -20.53
C SER C 126 9.72 -36.24 -19.61
N LEU C 127 9.48 -35.06 -19.08
CA LEU C 127 10.41 -34.39 -18.16
C LEU C 127 9.85 -34.39 -16.76
N THR C 128 10.71 -34.72 -15.83
CA THR C 128 10.28 -35.07 -14.50
C THR C 128 10.91 -34.18 -13.47
N CYS C 129 10.11 -33.52 -12.69
CA CYS C 129 10.75 -33.02 -11.47
C CYS C 129 10.28 -33.59 -10.15
N LEU C 130 11.27 -34.20 -9.52
CA LEU C 130 11.21 -34.72 -8.17
C LEU C 130 11.45 -33.59 -7.20
N VAL C 131 10.47 -33.34 -6.35
CA VAL C 131 10.57 -32.37 -5.23
C VAL C 131 10.36 -33.12 -3.93
N LYS C 132 11.37 -33.26 -3.11
CA LYS C 132 11.20 -34.14 -1.95
C LYS C 132 11.46 -33.47 -0.60
N GLY C 133 11.10 -34.16 0.45
CA GLY C 133 11.52 -33.79 1.81
C GLY C 133 11.15 -32.38 2.26
N PHE C 134 9.96 -31.98 1.89
CA PHE C 134 9.38 -30.73 2.36
C PHE C 134 8.34 -30.88 3.45
N TYR C 135 8.11 -29.80 4.11
CA TYR C 135 7.10 -29.72 5.13
C TYR C 135 6.81 -28.25 5.41
N PRO C 136 5.55 -27.86 5.50
CA PRO C 136 4.35 -28.69 5.22
C PRO C 136 4.08 -28.99 3.75
N SER C 137 3.01 -29.69 3.51
CA SER C 137 2.62 -30.19 2.18
C SER C 137 2.33 -29.07 1.19
N ASP C 138 2.18 -27.88 1.75
CA ASP C 138 1.89 -26.62 1.07
C ASP C 138 3.01 -26.16 0.15
N ILE C 139 2.95 -26.62 -1.04
CA ILE C 139 3.94 -26.25 -2.04
C ILE C 139 3.30 -25.88 -3.39
N ALA C 140 4.07 -25.27 -4.27
CA ALA C 140 3.65 -24.96 -5.64
C ALA C 140 4.80 -25.06 -6.62
N VAL C 141 4.72 -26.06 -7.48
CA VAL C 141 5.62 -26.29 -8.61
C VAL C 141 4.98 -25.85 -9.94
N GLU C 142 5.81 -25.31 -10.83
CA GLU C 142 5.43 -24.93 -12.19
C GLU C 142 6.58 -25.19 -13.16
N TRP C 143 6.27 -25.30 -14.42
CA TRP C 143 7.28 -25.47 -15.48
C TRP C 143 7.41 -24.29 -16.44
N GLU C 144 8.62 -24.07 -16.93
CA GLU C 144 8.89 -23.11 -18.03
C GLU C 144 9.71 -23.72 -19.16
N SER C 145 9.47 -23.19 -20.36
CA SER C 145 10.27 -23.40 -21.58
C SER C 145 11.05 -22.17 -21.99
N ASN C 146 12.35 -22.36 -22.00
CA ASN C 146 13.42 -21.41 -22.32
C ASN C 146 13.50 -20.24 -21.36
N GLY C 147 12.34 -19.74 -21.01
CA GLY C 147 12.18 -18.67 -20.03
C GLY C 147 10.71 -18.34 -19.82
N GLN C 148 9.85 -19.09 -20.48
CA GLN C 148 8.43 -18.77 -20.51
C GLN C 148 7.46 -19.93 -20.29
N PRO C 149 6.29 -19.64 -19.77
CA PRO C 149 5.39 -20.63 -19.17
C PRO C 149 5.05 -21.80 -20.08
N GLU C 150 5.16 -22.97 -19.50
CA GLU C 150 4.69 -24.18 -20.15
C GLU C 150 3.40 -24.64 -19.51
N ASN C 151 2.36 -24.80 -20.30
CA ASN C 151 1.02 -25.13 -19.75
C ASN C 151 0.77 -26.63 -19.75
N ASN C 152 1.79 -27.31 -20.22
CA ASN C 152 1.70 -28.72 -20.54
C ASN C 152 2.22 -29.61 -19.43
N TYR C 153 1.90 -29.26 -18.20
CA TYR C 153 2.42 -30.11 -17.13
C TYR C 153 1.33 -30.66 -16.22
N LYS C 154 1.64 -31.80 -15.59
CA LYS C 154 0.82 -32.50 -14.56
C LYS C 154 1.62 -32.77 -13.30
N THR C 155 1.14 -32.27 -12.20
CA THR C 155 1.76 -32.40 -10.88
C THR C 155 0.97 -33.38 -10.01
N THR C 156 1.68 -34.31 -9.42
CA THR C 156 1.07 -35.20 -8.42
C THR C 156 0.97 -34.50 -7.08
N PRO C 157 -0.07 -34.85 -6.41
CA PRO C 157 -0.32 -34.50 -5.01
C PRO C 157 0.82 -34.90 -4.08
N PRO C 158 1.08 -34.07 -3.11
CA PRO C 158 2.09 -34.32 -2.11
C PRO C 158 1.69 -35.57 -1.38
N VAL C 159 2.59 -36.51 -1.33
CA VAL C 159 2.35 -37.74 -0.58
C VAL C 159 3.43 -38.03 0.45
N LEU C 160 2.98 -38.43 1.62
CA LEU C 160 3.93 -38.51 2.73
C LEU C 160 4.83 -39.74 2.74
N ASP C 161 6.08 -39.40 2.74
CA ASP C 161 7.17 -40.32 2.65
C ASP C 161 7.48 -40.93 4.01
N SER C 162 8.33 -41.92 3.98
CA SER C 162 8.82 -42.61 5.16
C SER C 162 9.39 -41.62 6.16
N ASP C 163 10.06 -40.64 5.62
CA ASP C 163 10.71 -39.55 6.34
C ASP C 163 9.84 -38.82 7.36
N GLY C 164 8.58 -38.70 7.05
CA GLY C 164 7.78 -37.70 7.74
C GLY C 164 7.88 -36.37 7.02
N SER C 165 8.31 -36.46 5.79
CA SER C 165 8.30 -35.37 4.82
C SER C 165 7.23 -35.58 3.77
N PHE C 166 7.07 -34.62 2.86
CA PHE C 166 6.21 -34.82 1.69
C PHE C 166 7.04 -34.90 0.43
N PHE C 167 6.50 -35.51 -0.56
CA PHE C 167 7.18 -35.46 -1.84
C PHE C 167 6.17 -35.36 -2.98
N LEU C 168 6.67 -34.95 -4.10
CA LEU C 168 5.90 -34.96 -5.33
C LEU C 168 6.77 -35.10 -6.56
N TYR C 169 6.09 -35.37 -7.64
CA TYR C 169 6.64 -35.41 -8.98
C TYR C 169 5.79 -34.53 -9.85
N SER C 170 6.43 -33.93 -10.82
CA SER C 170 5.74 -33.15 -11.83
C SER C 170 6.24 -33.49 -13.25
N LYS C 171 5.33 -33.84 -14.09
CA LYS C 171 5.69 -34.37 -15.41
C LYS C 171 5.33 -33.50 -16.61
N LEU C 172 6.36 -32.92 -17.18
CA LEU C 172 6.27 -32.10 -18.40
C LEU C 172 6.39 -32.96 -19.65
N THR C 173 5.32 -33.09 -20.37
CA THR C 173 5.44 -33.78 -21.64
C THR C 173 5.76 -32.86 -22.82
N VAL C 174 6.96 -32.99 -23.35
CA VAL C 174 7.38 -32.21 -24.54
C VAL C 174 7.60 -33.07 -25.77
N ASP C 175 7.81 -32.46 -26.90
CA ASP C 175 8.05 -33.21 -28.14
C ASP C 175 9.48 -33.67 -28.20
N LYS C 176 9.65 -34.88 -28.67
CA LYS C 176 10.97 -35.51 -28.74
C LYS C 176 11.96 -34.57 -29.42
N SER C 177 11.52 -33.96 -30.49
CA SER C 177 12.31 -32.98 -31.23
C SER C 177 12.68 -31.77 -30.37
N ARG C 178 11.71 -31.33 -29.58
CA ARG C 178 11.81 -30.14 -28.74
C ARG C 178 12.82 -30.34 -27.62
N TRP C 179 13.00 -31.59 -27.26
CA TRP C 179 14.04 -31.94 -26.31
C TRP C 179 15.39 -32.08 -27.01
N GLN C 180 15.39 -32.80 -28.12
CA GLN C 180 16.61 -33.08 -28.87
C GLN C 180 17.33 -31.87 -29.46
N GLN C 181 16.61 -30.79 -29.55
CA GLN C 181 17.22 -29.55 -30.04
C GLN C 181 17.88 -28.76 -28.93
N GLY C 182 18.20 -29.43 -27.84
CA GLY C 182 18.96 -28.88 -26.70
C GLY C 182 18.33 -27.63 -26.07
N ASN C 183 17.03 -27.64 -26.06
CA ASN C 183 16.22 -26.52 -25.57
C ASN C 183 16.12 -26.55 -24.04
N VAL C 184 16.24 -25.41 -23.40
CA VAL C 184 16.18 -25.36 -21.93
C VAL C 184 14.78 -25.42 -21.36
N PHE C 185 14.60 -26.38 -20.47
CA PHE C 185 13.42 -26.51 -19.61
C PHE C 185 13.78 -26.36 -18.14
N SER C 186 12.77 -26.06 -17.35
CA SER C 186 12.96 -25.67 -15.97
C SER C 186 11.74 -25.86 -15.08
N CYS C 187 11.94 -26.49 -13.94
CA CYS C 187 10.89 -26.50 -12.91
C CYS C 187 11.10 -25.52 -11.74
N SER C 188 10.09 -24.72 -11.51
CA SER C 188 10.11 -23.55 -10.60
C SER C 188 9.23 -23.79 -9.38
N VAL C 189 9.88 -24.15 -8.28
CA VAL C 189 9.20 -24.59 -7.04
C VAL C 189 9.05 -23.48 -5.99
N MET C 190 7.85 -23.35 -5.47
CA MET C 190 7.52 -22.36 -4.44
C MET C 190 6.99 -22.98 -3.15
N HIS C 191 7.78 -22.83 -2.12
CA HIS C 191 7.47 -23.31 -0.77
C HIS C 191 8.12 -22.38 0.24
N GLU C 192 7.40 -22.16 1.32
CA GLU C 192 7.84 -21.44 2.50
C GLU C 192 9.32 -21.61 2.85
N ALA C 193 9.83 -22.80 2.82
CA ALA C 193 11.19 -22.96 3.28
C ALA C 193 12.27 -22.80 2.21
N LEU C 194 11.92 -22.11 1.13
CA LEU C 194 12.84 -21.81 0.03
C LEU C 194 13.31 -20.36 0.05
N HIS C 195 14.42 -20.13 -0.63
CA HIS C 195 15.26 -18.95 -0.51
C HIS C 195 14.50 -17.62 -0.42
N ASN C 196 13.54 -17.44 -1.27
CA ASN C 196 12.66 -16.27 -1.18
C ASN C 196 11.23 -16.72 -1.40
N HIS C 197 10.93 -17.84 -0.77
CA HIS C 197 9.77 -18.68 -1.08
C HIS C 197 9.80 -19.24 -2.50
N TYR C 198 10.89 -19.06 -3.19
CA TYR C 198 11.03 -19.45 -4.59
C TYR C 198 12.39 -20.08 -4.92
N THR C 199 12.36 -21.08 -5.80
CA THR C 199 13.55 -21.74 -6.44
C THR C 199 13.24 -22.28 -7.82
N GLN C 200 14.28 -22.53 -8.54
CA GLN C 200 14.14 -23.03 -9.87
C GLN C 200 15.32 -23.89 -10.29
N LYS C 201 15.01 -24.99 -10.94
CA LYS C 201 16.00 -25.99 -11.40
C LYS C 201 15.77 -26.39 -12.85
N SER C 202 16.85 -26.41 -13.60
CA SER C 202 16.84 -26.54 -15.07
C SER C 202 17.21 -27.90 -15.65
N LEU C 203 16.40 -28.30 -16.61
CA LEU C 203 16.60 -29.45 -17.50
C LEU C 203 16.99 -29.04 -18.90
N SER C 204 18.18 -29.36 -19.31
CA SER C 204 18.66 -29.10 -20.66
C SER C 204 19.43 -30.29 -21.17
N LEU C 205 19.24 -30.57 -22.43
CA LEU C 205 19.92 -31.65 -23.14
C LEU C 205 21.44 -31.53 -23.07
#